data_7U68
#
_entry.id   7U68
#
_cell.length_a   40.582
_cell.length_b   124.905
_cell.length_c   40.778
_cell.angle_alpha   90.000
_cell.angle_beta   119.500
_cell.angle_gamma   90.000
#
_symmetry.space_group_name_H-M   'P 1 21 1'
#
loop_
_entity.id
_entity.type
_entity.pdbx_description
1 polymer vitronectin
2 non-polymer 'SODIUM ION'
3 non-polymer 'CHLORIDE ION'
4 non-polymer 'SULFATE ION'
5 water water
#
_entity_poly.entity_id   1
_entity_poly.type   'polypeptide(L)'
_entity_poly.pdbx_seq_one_letter_code
;MELCSGKPFDAFTDLKNGSLFAFRGQYSYELDEKAVRPGYPKLIRDVWGIEGPIDAAFTRINSQGKTYLFKGSQYWRFED
GVLDPDYPRNISDGFDGIPDNVDAALALPAHSYSGRERVYFFKGKQYWEYQFQRTSAGTRQPQFISRDWHGVPGQVDAAM
AGRISVFFFSGDKYYRVNLRTRRVDTVDPPYPRSIAQYWLGCPA
;
_entity_poly.pdbx_strand_id   A,B
#
loop_
_chem_comp.id
_chem_comp.type
_chem_comp.name
_chem_comp.formula
CL non-polymer 'CHLORIDE ION' 'Cl -1'
NA non-polymer 'SODIUM ION' 'Na 1'
SO4 non-polymer 'SULFATE ION' 'O4 S -2'
#
# COMPACT_ATOMS: atom_id res chain seq x y z
N MET A 1 12.10 15.05 -9.90
CA MET A 1 10.75 15.03 -10.54
C MET A 1 9.82 14.14 -9.70
N GLU A 2 8.52 14.14 -10.01
CA GLU A 2 7.49 13.37 -9.28
C GLU A 2 7.36 11.94 -9.84
N LEU A 3 6.79 11.07 -9.01
CA LEU A 3 6.56 9.62 -9.27
C LEU A 3 5.94 9.40 -10.65
N CYS A 4 4.96 10.23 -11.04
CA CYS A 4 4.08 10.01 -12.21
C CYS A 4 4.54 10.81 -13.44
N SER A 5 5.83 11.19 -13.50
CA SER A 5 6.47 11.92 -14.62
C SER A 5 6.55 11.05 -15.89
N GLY A 6 6.50 9.72 -15.74
CA GLY A 6 6.56 8.76 -16.86
C GLY A 6 7.99 8.34 -17.18
N LYS A 7 8.97 8.92 -16.48
CA LYS A 7 10.41 8.66 -16.74
C LYS A 7 10.75 7.27 -16.19
N PRO A 8 11.68 6.53 -16.81
CA PRO A 8 12.13 5.24 -16.29
C PRO A 8 12.64 5.32 -14.84
N PHE A 9 12.65 4.16 -14.16
CA PHE A 9 13.17 3.99 -12.77
C PHE A 9 14.54 3.30 -12.79
N ASP A 10 15.30 3.49 -11.72
CA ASP A 10 16.66 2.94 -11.54
C ASP A 10 16.62 1.66 -10.72
N ALA A 11 15.71 1.57 -9.73
CA ALA A 11 15.61 0.37 -8.86
C ALA A 11 14.23 0.32 -8.18
N PHE A 12 13.86 -0.88 -7.75
CA PHE A 12 12.67 -1.16 -6.91
C PHE A 12 13.10 -2.17 -5.86
N THR A 13 12.47 -2.13 -4.69
CA THR A 13 12.48 -3.27 -3.75
C THR A 13 11.11 -3.37 -3.09
N ASP A 14 10.60 -4.59 -3.00
CA ASP A 14 9.43 -4.96 -2.19
C ASP A 14 9.95 -5.38 -0.81
N LEU A 15 9.62 -4.62 0.23
CA LEU A 15 10.05 -4.92 1.63
C LEU A 15 9.38 -6.21 2.15
N LYS A 16 8.45 -6.79 1.38
CA LYS A 16 7.79 -8.12 1.64
C LYS A 16 6.88 -7.99 2.88
N ASN A 17 6.44 -6.76 3.20
CA ASN A 17 5.58 -6.46 4.37
C ASN A 17 4.47 -5.48 3.96
N GLY A 18 4.19 -5.33 2.68
CA GLY A 18 3.14 -4.41 2.16
C GLY A 18 3.69 -3.09 1.62
N SER A 19 4.91 -2.69 1.99
CA SER A 19 5.55 -1.44 1.53
C SER A 19 6.63 -1.74 0.47
N LEU A 20 6.93 -0.78 -0.39
CA LEU A 20 8.05 -0.88 -1.33
C LEU A 20 8.62 0.51 -1.64
N PHE A 21 9.83 0.51 -2.19
CA PHE A 21 10.58 1.73 -2.58
C PHE A 21 10.98 1.62 -4.04
N ALA A 22 10.74 2.71 -4.78
CA ALA A 22 11.19 2.92 -6.15
C ALA A 22 12.30 3.99 -6.08
N PHE A 23 13.27 3.91 -6.97
CA PHE A 23 14.40 4.86 -7.04
C PHE A 23 14.47 5.42 -8.46
N ARG A 24 14.71 6.72 -8.58
CA ARG A 24 14.95 7.38 -9.89
C ARG A 24 15.78 8.64 -9.67
N GLY A 25 16.95 8.72 -10.31
CA GLY A 25 17.90 9.82 -10.14
C GLY A 25 18.23 10.01 -8.68
N GLN A 26 17.95 11.20 -8.14
CA GLN A 26 18.27 11.57 -6.75
C GLN A 26 17.12 11.24 -5.80
N TYR A 27 16.04 10.64 -6.30
CA TYR A 27 14.75 10.55 -5.57
C TYR A 27 14.42 9.10 -5.18
N SER A 28 13.81 9.01 -4.00
CA SER A 28 13.25 7.79 -3.35
C SER A 28 11.75 7.98 -3.19
N TYR A 29 10.97 6.96 -3.56
CA TYR A 29 9.49 6.95 -3.53
C TYR A 29 9.02 5.76 -2.69
N GLU A 30 8.41 6.06 -1.54
CA GLU A 30 7.80 5.05 -0.64
C GLU A 30 6.38 4.78 -1.14
N LEU A 31 6.09 3.52 -1.48
CA LEU A 31 4.78 3.10 -2.06
C LEU A 31 4.16 2.11 -1.09
N ASP A 32 3.15 2.54 -0.34
CA ASP A 32 2.51 1.80 0.76
C ASP A 32 1.10 2.37 0.84
N GLU A 33 0.08 1.53 0.97
CA GLU A 33 -1.33 1.98 1.04
C GLU A 33 -1.53 2.70 2.39
N LYS A 34 -0.68 2.41 3.38
CA LYS A 34 -0.71 2.99 4.75
C LYS A 34 0.01 4.35 4.79
N ALA A 35 0.63 4.79 3.70
CA ALA A 35 1.42 6.04 3.66
C ALA A 35 0.46 7.25 3.62
N VAL A 36 0.71 8.22 4.49
CA VAL A 36 -0.11 9.47 4.53
C VAL A 36 0.13 10.19 3.21
N ARG A 37 1.36 10.09 2.71
CA ARG A 37 1.79 10.79 1.48
C ARG A 37 2.49 9.77 0.57
N PRO A 38 1.75 8.85 -0.07
CA PRO A 38 2.39 7.84 -0.91
C PRO A 38 3.03 8.47 -2.15
N GLY A 39 4.22 7.99 -2.54
CA GLY A 39 4.84 8.53 -3.76
C GLY A 39 5.35 9.95 -3.63
N TYR A 40 5.51 10.43 -2.41
CA TYR A 40 6.08 11.78 -2.14
C TYR A 40 7.57 11.71 -2.50
N PRO A 41 8.07 12.55 -3.44
CA PRO A 41 9.49 12.52 -3.80
C PRO A 41 10.38 13.01 -2.64
N LYS A 42 11.21 12.11 -2.09
CA LYS A 42 12.23 12.45 -1.07
C LYS A 42 13.60 12.15 -1.67
N LEU A 43 14.63 12.89 -1.25
CA LEU A 43 16.02 12.70 -1.73
C LEU A 43 16.58 11.42 -1.10
N ILE A 44 17.27 10.61 -1.92
CA ILE A 44 17.90 9.35 -1.45
C ILE A 44 18.90 9.69 -0.34
N ARG A 45 19.66 10.79 -0.50
CA ARG A 45 20.66 11.28 0.49
C ARG A 45 19.98 11.53 1.84
N ASP A 46 18.71 11.93 1.83
CA ASP A 46 17.93 12.26 3.05
C ASP A 46 17.37 10.97 3.68
N VAL A 47 16.83 10.05 2.88
CA VAL A 47 16.12 8.84 3.40
C VAL A 47 17.14 7.75 3.72
N TRP A 48 18.11 7.54 2.82
CA TRP A 48 19.04 6.38 2.86
C TRP A 48 20.47 6.85 3.15
N GLY A 49 20.73 8.16 3.12
CA GLY A 49 22.03 8.74 3.53
C GLY A 49 23.12 8.45 2.51
N ILE A 50 22.76 8.29 1.23
CA ILE A 50 23.72 8.07 0.11
C ILE A 50 23.27 8.88 -1.11
N GLU A 51 24.17 9.13 -2.05
CA GLU A 51 23.88 9.85 -3.32
C GLU A 51 23.30 8.87 -4.36
N GLY A 52 22.19 9.25 -5.00
CA GLY A 52 21.69 8.57 -6.20
C GLY A 52 22.58 8.91 -7.39
N PRO A 53 22.35 8.31 -8.58
CA PRO A 53 21.35 7.25 -8.74
C PRO A 53 21.95 5.90 -8.32
N ILE A 54 21.13 5.00 -7.79
CA ILE A 54 21.59 3.63 -7.45
C ILE A 54 21.32 2.73 -8.67
N ASP A 55 21.84 1.52 -8.65
CA ASP A 55 21.82 0.56 -9.78
C ASP A 55 20.77 -0.53 -9.55
N ALA A 56 20.58 -0.96 -8.30
CA ALA A 56 19.64 -2.04 -7.97
C ALA A 56 19.37 -2.04 -6.46
N ALA A 57 18.29 -2.73 -6.07
CA ALA A 57 17.89 -2.91 -4.67
C ALA A 57 17.21 -4.27 -4.49
N PHE A 58 17.29 -4.85 -3.29
CA PHE A 58 16.42 -5.98 -2.90
C PHE A 58 16.26 -5.99 -1.38
N THR A 59 15.23 -6.68 -0.90
CA THR A 59 14.95 -6.87 0.55
C THR A 59 14.79 -8.36 0.85
N ARG A 60 15.52 -8.85 1.84
CA ARG A 60 15.52 -10.30 2.16
C ARG A 60 14.18 -10.68 2.81
N ILE A 61 13.74 -11.90 2.54
CA ILE A 61 12.40 -12.47 2.92
C ILE A 61 12.43 -12.91 4.40
N ASN A 62 13.62 -13.03 5.00
CA ASN A 62 13.81 -13.61 6.37
C ASN A 62 13.26 -12.63 7.42
N SER A 63 13.36 -12.98 8.70
CA SER A 63 12.81 -12.23 9.86
C SER A 63 13.32 -10.79 9.87
N GLN A 64 14.63 -10.58 9.72
CA GLN A 64 15.29 -9.26 9.90
C GLN A 64 14.92 -8.30 8.76
N GLY A 65 14.55 -8.83 7.59
CA GLY A 65 14.11 -8.01 6.45
C GLY A 65 15.07 -6.84 6.18
N LYS A 66 16.32 -7.16 5.90
CA LYS A 66 17.37 -6.16 5.55
C LYS A 66 17.19 -5.72 4.09
N THR A 67 17.34 -4.43 3.83
CA THR A 67 17.32 -3.84 2.48
C THR A 67 18.76 -3.57 2.01
N TYR A 68 19.05 -3.99 0.78
CA TYR A 68 20.39 -3.87 0.12
C TYR A 68 20.27 -2.91 -1.07
N LEU A 69 21.06 -1.84 -1.12
CA LEU A 69 21.15 -0.88 -2.26
C LEU A 69 22.53 -0.99 -2.90
N PHE A 70 22.58 -1.06 -4.22
CA PHE A 70 23.80 -1.29 -5.04
C PHE A 70 24.03 -0.03 -5.86
N LYS A 71 25.29 0.44 -5.87
CA LYS A 71 25.78 1.53 -6.74
C LYS A 71 27.26 1.29 -7.09
N GLY A 72 27.56 1.13 -8.37
CA GLY A 72 28.92 0.83 -8.85
C GLY A 72 29.41 -0.51 -8.32
N SER A 73 30.51 -0.51 -7.56
CA SER A 73 31.14 -1.69 -6.93
C SER A 73 30.75 -1.85 -5.45
N GLN A 74 29.84 -0.99 -4.96
N GLN A 74 29.83 -1.00 -4.97
CA GLN A 74 29.52 -0.85 -3.52
CA GLN A 74 29.53 -0.86 -3.52
C GLN A 74 28.07 -1.26 -3.25
C GLN A 74 28.07 -1.27 -3.25
N TYR A 75 27.80 -1.73 -2.02
CA TYR A 75 26.42 -1.95 -1.54
C TYR A 75 26.32 -1.51 -0.08
N TRP A 76 25.11 -1.11 0.28
CA TRP A 76 24.66 -0.64 1.61
C TRP A 76 23.54 -1.56 2.10
N ARG A 77 23.59 -1.92 3.38
CA ARG A 77 22.60 -2.81 4.01
C ARG A 77 21.92 -2.04 5.13
N PHE A 78 20.59 -2.00 5.13
CA PHE A 78 19.76 -1.21 6.06
C PHE A 78 18.81 -2.14 6.79
N GLU A 79 18.53 -1.80 8.05
N GLU A 79 18.56 -1.84 8.08
CA GLU A 79 17.48 -2.44 8.88
CA GLU A 79 17.46 -2.44 8.85
C GLU A 79 16.94 -1.40 9.87
C GLU A 79 16.94 -1.41 9.87
N ASP A 80 15.63 -1.47 10.14
CA ASP A 80 14.97 -0.67 11.21
C ASP A 80 15.24 0.81 10.93
N GLY A 81 15.25 1.21 9.66
CA GLY A 81 15.40 2.60 9.22
C GLY A 81 16.86 3.06 9.11
N VAL A 82 17.85 2.22 9.41
CA VAL A 82 19.23 2.71 9.67
C VAL A 82 20.26 1.88 8.89
N LEU A 83 21.30 2.54 8.41
CA LEU A 83 22.47 1.89 7.77
C LEU A 83 23.19 1.03 8.80
N ASP A 84 23.34 -0.25 8.51
CA ASP A 84 24.07 -1.21 9.39
C ASP A 84 25.51 -0.70 9.48
N PRO A 85 26.19 -0.92 10.63
CA PRO A 85 27.60 -0.59 10.73
C PRO A 85 28.38 -1.53 9.79
N ASP A 86 29.58 -1.11 9.38
CA ASP A 86 30.47 -1.91 8.49
C ASP A 86 29.95 -1.90 7.05
N TYR A 87 29.08 -0.94 6.68
CA TYR A 87 28.66 -0.63 5.29
C TYR A 87 29.01 0.82 4.98
N PRO A 88 29.29 1.20 3.72
CA PRO A 88 29.25 0.27 2.59
C PRO A 88 30.38 -0.74 2.50
N ARG A 89 30.13 -1.81 1.74
CA ARG A 89 31.12 -2.87 1.42
C ARG A 89 31.24 -2.98 -0.08
N ASN A 90 32.37 -3.52 -0.54
CA ASN A 90 32.53 -3.94 -1.93
C ASN A 90 31.63 -5.16 -2.18
N ILE A 91 30.98 -5.18 -3.33
CA ILE A 91 30.10 -6.30 -3.75
C ILE A 91 30.87 -7.63 -3.65
N SER A 92 32.16 -7.63 -3.96
N SER A 92 32.17 -7.64 -3.96
CA SER A 92 33.04 -8.84 -3.98
CA SER A 92 32.99 -8.87 -3.99
C SER A 92 33.17 -9.42 -2.57
C SER A 92 33.17 -9.43 -2.57
N ASP A 93 33.02 -8.59 -1.55
CA ASP A 93 33.16 -9.02 -0.12
C ASP A 93 31.86 -9.68 0.37
N GLY A 94 30.70 -9.28 -0.12
CA GLY A 94 29.39 -9.85 0.28
C GLY A 94 28.90 -10.93 -0.67
N PHE A 95 29.23 -10.83 -1.96
CA PHE A 95 28.61 -11.58 -3.07
C PHE A 95 29.68 -12.05 -4.06
N ASP A 96 30.42 -13.09 -3.69
CA ASP A 96 31.54 -13.61 -4.53
C ASP A 96 30.98 -14.17 -5.84
N GLY A 97 31.51 -13.73 -6.97
CA GLY A 97 31.05 -14.13 -8.31
C GLY A 97 30.17 -13.07 -8.94
N ILE A 98 29.53 -12.21 -8.14
CA ILE A 98 28.59 -11.18 -8.67
C ILE A 98 29.41 -10.01 -9.20
N PRO A 99 29.11 -9.52 -10.42
CA PRO A 99 29.85 -8.40 -10.98
C PRO A 99 29.43 -7.06 -10.35
N ASP A 100 30.13 -6.00 -10.72
CA ASP A 100 29.84 -4.60 -10.34
C ASP A 100 28.85 -4.04 -11.36
N ASN A 101 28.33 -2.85 -11.12
CA ASN A 101 27.44 -2.10 -12.04
C ASN A 101 26.31 -3.02 -12.52
N VAL A 102 25.58 -3.63 -11.60
CA VAL A 102 24.40 -4.48 -11.95
C VAL A 102 23.29 -3.56 -12.48
N ASP A 103 22.34 -4.15 -13.20
CA ASP A 103 21.15 -3.48 -13.77
C ASP A 103 19.95 -3.61 -12.83
N ALA A 104 19.86 -4.73 -12.09
CA ALA A 104 18.67 -5.08 -11.29
C ALA A 104 19.00 -6.21 -10.32
N ALA A 105 18.16 -6.39 -9.30
CA ALA A 105 18.22 -7.54 -8.38
C ALA A 105 16.83 -7.81 -7.81
N LEU A 106 16.58 -9.04 -7.40
CA LEU A 106 15.35 -9.39 -6.64
C LEU A 106 15.69 -10.52 -5.67
N ALA A 107 14.96 -10.60 -4.58
CA ALA A 107 15.07 -11.66 -3.56
C ALA A 107 13.75 -12.45 -3.55
N LEU A 108 13.83 -13.78 -3.69
CA LEU A 108 12.70 -14.68 -3.34
C LEU A 108 12.89 -15.16 -1.89
N GLU A 117 16.37 -19.22 0.35
CA GLU A 117 16.67 -17.76 0.22
C GLU A 117 17.56 -17.54 -1.01
N ARG A 118 16.94 -17.27 -2.15
CA ARG A 118 17.61 -17.08 -3.46
C ARG A 118 17.54 -15.60 -3.85
N VAL A 119 18.68 -15.03 -4.25
CA VAL A 119 18.79 -13.65 -4.80
C VAL A 119 19.25 -13.75 -6.24
N TYR A 120 18.71 -12.91 -7.13
CA TYR A 120 19.09 -12.85 -8.56
C TYR A 120 19.61 -11.46 -8.87
N PHE A 121 20.81 -11.38 -9.44
CA PHE A 121 21.39 -10.14 -10.01
C PHE A 121 21.31 -10.15 -11.53
N PHE A 122 20.96 -9.02 -12.12
CA PHE A 122 20.80 -8.88 -13.59
C PHE A 122 21.82 -7.87 -14.08
N LYS A 123 22.51 -8.17 -15.18
CA LYS A 123 23.41 -7.21 -15.86
C LYS A 123 23.50 -7.57 -17.35
N GLY A 124 23.15 -6.62 -18.22
CA GLY A 124 22.96 -6.89 -19.66
C GLY A 124 22.04 -8.06 -19.88
N LYS A 125 22.49 -9.05 -20.65
CA LYS A 125 21.65 -10.17 -21.14
C LYS A 125 21.65 -11.31 -20.13
N GLN A 126 22.40 -11.14 -19.02
CA GLN A 126 22.72 -12.26 -18.10
C GLN A 126 22.17 -12.00 -16.70
N TYR A 127 22.07 -13.07 -15.93
CA TYR A 127 21.70 -12.99 -14.50
C TYR A 127 22.50 -14.07 -13.77
N TRP A 128 22.67 -13.82 -12.47
CA TRP A 128 23.46 -14.62 -11.51
C TRP A 128 22.53 -14.94 -10.36
N GLU A 129 22.57 -16.19 -9.90
CA GLU A 129 21.86 -16.66 -8.69
C GLU A 129 22.85 -16.59 -7.53
N TYR A 130 22.41 -16.01 -6.41
CA TYR A 130 23.17 -15.97 -5.16
C TYR A 130 22.32 -16.61 -4.06
N GLN A 131 22.90 -17.52 -3.29
CA GLN A 131 22.25 -18.05 -2.05
C GLN A 131 23.10 -17.67 -0.84
N PHE A 132 22.44 -17.18 0.20
CA PHE A 132 22.95 -17.07 1.59
C PHE A 132 22.80 -18.45 2.26
N GLY A 138 27.26 -18.35 -1.88
CA GLY A 138 27.94 -18.80 -3.11
C GLY A 138 27.19 -18.42 -4.38
N THR A 139 27.93 -18.14 -5.45
CA THR A 139 27.44 -17.75 -6.80
C THR A 139 27.75 -18.84 -7.83
N ARG A 140 26.94 -18.91 -8.90
CA ARG A 140 27.04 -19.91 -10.00
C ARG A 140 27.56 -19.21 -11.27
N GLN A 141 27.72 -19.97 -12.35
CA GLN A 141 27.94 -19.41 -13.71
C GLN A 141 26.74 -18.53 -14.05
N PRO A 142 26.92 -17.43 -14.82
CA PRO A 142 25.77 -16.66 -15.32
C PRO A 142 24.96 -17.45 -16.36
N GLN A 143 23.66 -17.16 -16.44
CA GLN A 143 22.70 -17.72 -17.43
C GLN A 143 22.06 -16.55 -18.17
N PHE A 144 21.28 -16.84 -19.21
CA PHE A 144 20.68 -15.79 -20.06
C PHE A 144 19.31 -15.43 -19.50
N ILE A 145 19.04 -14.14 -19.34
CA ILE A 145 17.72 -13.67 -18.84
C ILE A 145 16.63 -14.31 -19.72
N SER A 146 16.71 -14.15 -21.03
CA SER A 146 15.63 -14.53 -21.99
C SER A 146 15.42 -16.06 -22.01
N ARG A 147 16.43 -16.85 -21.65
CA ARG A 147 16.34 -18.33 -21.67
C ARG A 147 15.53 -18.82 -20.46
N ASP A 148 15.66 -18.19 -19.29
CA ASP A 148 15.07 -18.72 -18.03
C ASP A 148 13.85 -17.88 -17.58
N TRP A 149 13.71 -16.66 -18.10
CA TRP A 149 12.58 -15.74 -17.80
C TRP A 149 11.85 -15.48 -19.12
N HIS A 150 10.87 -16.34 -19.44
CA HIS A 150 10.31 -16.46 -20.81
C HIS A 150 9.44 -15.25 -21.15
N GLY A 151 9.82 -14.52 -22.19
CA GLY A 151 9.17 -13.29 -22.67
C GLY A 151 9.82 -12.03 -22.13
N VAL A 152 10.85 -12.17 -21.30
CA VAL A 152 11.66 -11.03 -20.78
C VAL A 152 12.87 -10.85 -21.70
N PRO A 153 13.03 -9.68 -22.33
CA PRO A 153 14.20 -9.41 -23.17
C PRO A 153 15.45 -9.30 -22.29
N GLY A 154 16.64 -9.35 -22.90
CA GLY A 154 17.91 -9.34 -22.18
C GLY A 154 18.38 -7.93 -21.89
N GLN A 155 17.49 -7.10 -21.35
CA GLN A 155 17.79 -5.68 -21.02
C GLN A 155 16.75 -5.22 -20.00
N VAL A 156 17.12 -5.11 -18.71
CA VAL A 156 16.17 -4.68 -17.64
C VAL A 156 16.83 -3.54 -16.86
N ASP A 157 16.01 -2.63 -16.36
CA ASP A 157 16.45 -1.41 -15.61
C ASP A 157 16.27 -1.62 -14.12
N ALA A 158 15.37 -2.52 -13.71
CA ALA A 158 14.99 -2.76 -12.31
C ALA A 158 14.10 -3.99 -12.24
N ALA A 159 13.97 -4.57 -11.06
CA ALA A 159 13.17 -5.80 -10.84
C ALA A 159 12.63 -5.73 -9.42
N MET A 160 11.51 -6.40 -9.17
CA MET A 160 11.07 -6.59 -7.78
C MET A 160 10.22 -7.86 -7.68
N ALA A 161 10.30 -8.52 -6.54
CA ALA A 161 9.68 -9.84 -6.32
C ALA A 161 8.51 -9.64 -5.36
N GLY A 162 7.31 -10.02 -5.80
CA GLY A 162 6.12 -10.20 -4.95
C GLY A 162 6.03 -11.64 -4.45
N ARG A 163 4.83 -12.06 -4.03
CA ARG A 163 4.55 -13.41 -3.48
C ARG A 163 4.41 -14.41 -4.64
N ILE A 164 3.63 -14.09 -5.69
CA ILE A 164 3.35 -15.05 -6.80
C ILE A 164 3.94 -14.56 -8.14
N SER A 165 4.37 -13.30 -8.23
CA SER A 165 4.89 -12.67 -9.48
C SER A 165 6.22 -11.95 -9.20
N VAL A 166 7.06 -11.83 -10.23
CA VAL A 166 8.16 -10.84 -10.25
C VAL A 166 7.82 -9.83 -11.33
N PHE A 167 8.36 -8.63 -11.18
CA PHE A 167 8.18 -7.54 -12.17
C PHE A 167 9.55 -7.14 -12.71
N PHE A 168 9.65 -7.06 -14.03
CA PHE A 168 10.84 -6.56 -14.75
C PHE A 168 10.47 -5.23 -15.41
N PHE A 169 11.27 -4.21 -15.16
CA PHE A 169 11.09 -2.83 -15.66
C PHE A 169 12.14 -2.56 -16.74
N SER A 170 11.69 -2.01 -17.87
CA SER A 170 12.52 -1.65 -19.04
C SER A 170 11.99 -0.35 -19.66
N GLY A 171 12.79 0.71 -19.60
CA GLY A 171 12.36 2.07 -19.93
C GLY A 171 11.14 2.48 -19.14
N ASP A 172 10.10 2.92 -19.85
CA ASP A 172 8.84 3.44 -19.26
C ASP A 172 7.79 2.33 -19.16
N LYS A 173 8.16 1.09 -19.48
CA LYS A 173 7.26 -0.09 -19.46
C LYS A 173 7.77 -1.16 -18.50
N TYR A 174 6.96 -2.19 -18.27
CA TYR A 174 7.28 -3.32 -17.36
C TYR A 174 6.60 -4.58 -17.86
N TYR A 175 7.05 -5.70 -17.30
CA TYR A 175 6.53 -7.07 -17.51
C TYR A 175 6.22 -7.69 -16.15
N ARG A 176 5.17 -8.52 -16.08
CA ARG A 176 4.89 -9.35 -14.89
C ARG A 176 5.10 -10.80 -15.27
N VAL A 177 5.88 -11.52 -14.47
CA VAL A 177 6.25 -12.94 -14.73
C VAL A 177 5.74 -13.77 -13.56
N ASN A 178 4.91 -14.76 -13.86
CA ASN A 178 4.45 -15.76 -12.86
C ASN A 178 5.66 -16.55 -12.35
N LEU A 179 5.80 -16.72 -11.04
CA LEU A 179 6.97 -17.42 -10.47
C LEU A 179 6.92 -18.93 -10.76
N ARG A 180 5.73 -19.53 -10.82
CA ARG A 180 5.54 -20.97 -11.13
C ARG A 180 5.99 -21.27 -12.56
N THR A 181 5.41 -20.61 -13.56
CA THR A 181 5.68 -20.85 -15.00
C THR A 181 6.98 -20.18 -15.43
N ARG A 182 7.41 -19.13 -14.72
CA ARG A 182 8.58 -18.30 -15.09
C ARG A 182 8.33 -17.69 -16.47
N ARG A 183 7.06 -17.42 -16.79
CA ARG A 183 6.67 -16.83 -18.09
C ARG A 183 5.94 -15.51 -17.81
N VAL A 184 6.12 -14.53 -18.70
CA VAL A 184 5.33 -13.27 -18.72
C VAL A 184 3.84 -13.67 -18.78
N ASP A 185 3.02 -13.11 -17.88
CA ASP A 185 1.56 -13.37 -17.81
C ASP A 185 0.84 -12.75 -19.03
N THR A 186 -0.26 -13.36 -19.46
CA THR A 186 -1.14 -12.83 -20.52
C THR A 186 -2.20 -11.95 -19.86
N VAL A 187 -2.14 -10.65 -20.10
CA VAL A 187 -3.12 -9.64 -19.59
C VAL A 187 -3.48 -8.70 -20.75
N ASP A 188 -4.39 -7.77 -20.47
CA ASP A 188 -4.92 -6.83 -21.48
C ASP A 188 -4.96 -5.45 -20.86
N PRO A 189 -4.33 -4.41 -21.46
CA PRO A 189 -3.42 -4.59 -22.59
C PRO A 189 -2.20 -5.40 -22.20
N PRO A 190 -1.54 -6.09 -23.15
CA PRO A 190 -0.45 -7.01 -22.84
C PRO A 190 0.84 -6.28 -22.40
N TYR A 191 1.71 -7.02 -21.69
CA TYR A 191 3.09 -6.58 -21.36
C TYR A 191 3.88 -6.55 -22.67
N PRO A 192 4.84 -5.63 -22.86
CA PRO A 192 5.18 -4.62 -21.87
C PRO A 192 4.23 -3.42 -21.92
N ARG A 193 3.90 -2.84 -20.77
CA ARG A 193 2.96 -1.69 -20.73
C ARG A 193 3.43 -0.68 -19.70
N SER A 194 2.78 0.48 -19.71
CA SER A 194 3.22 1.72 -19.03
C SER A 194 3.30 1.47 -17.53
N ILE A 195 4.47 1.79 -16.96
CA ILE A 195 4.71 1.77 -15.49
C ILE A 195 3.75 2.78 -14.86
N ALA A 196 3.75 4.02 -15.35
CA ALA A 196 2.89 5.13 -14.85
C ALA A 196 1.42 4.69 -14.82
N GLN A 197 0.89 4.25 -15.96
CA GLN A 197 -0.56 4.05 -16.18
C GLN A 197 -1.07 2.79 -15.48
N TYR A 198 -0.37 1.66 -15.64
CA TYR A 198 -0.90 0.31 -15.30
C TYR A 198 -0.25 -0.28 -14.06
N TRP A 199 0.87 0.25 -13.56
CA TRP A 199 1.55 -0.30 -12.34
C TRP A 199 1.39 0.67 -11.15
N LEU A 200 1.57 1.97 -11.37
CA LEU A 200 1.48 3.00 -10.30
C LEU A 200 0.03 3.48 -10.16
N GLY A 201 -0.80 3.28 -11.17
CA GLY A 201 -2.15 3.87 -11.21
C GLY A 201 -2.10 5.38 -11.15
N CYS A 202 -1.21 5.98 -11.95
CA CYS A 202 -1.10 7.46 -12.15
C CYS A 202 -2.17 7.94 -13.13
N PRO A 203 -2.70 9.18 -12.96
CA PRO A 203 -3.47 9.86 -14.00
C PRO A 203 -2.65 10.18 -15.26
N MET B 1 -9.31 -15.02 17.75
CA MET B 1 -9.11 -14.41 16.40
C MET B 1 -7.67 -14.69 15.94
N GLU B 2 -7.38 -14.46 14.66
CA GLU B 2 -6.05 -14.71 14.04
C GLU B 2 -5.83 -13.64 12.94
N LEU B 3 -4.70 -12.91 13.00
CA LEU B 3 -4.44 -11.68 12.22
C LEU B 3 -4.68 -11.94 10.73
N CYS B 4 -4.19 -13.09 10.23
CA CYS B 4 -4.07 -13.37 8.78
C CYS B 4 -5.18 -14.34 8.34
N SER B 5 -6.33 -14.31 9.01
CA SER B 5 -7.49 -15.23 8.79
C SER B 5 -8.22 -14.90 7.48
N GLY B 6 -8.26 -13.62 7.08
CA GLY B 6 -9.02 -13.14 5.90
C GLY B 6 -10.50 -12.94 6.16
N LYS B 7 -10.92 -13.01 7.43
CA LYS B 7 -12.31 -12.74 7.89
C LYS B 7 -12.62 -11.27 7.64
N PRO B 8 -13.83 -10.91 7.20
CA PRO B 8 -14.14 -9.51 6.87
C PRO B 8 -13.91 -8.59 8.07
N PHE B 9 -13.44 -7.37 7.82
CA PHE B 9 -13.37 -6.30 8.86
C PHE B 9 -14.73 -5.64 8.99
N ASP B 10 -14.91 -4.94 10.11
CA ASP B 10 -16.15 -4.21 10.46
C ASP B 10 -15.98 -2.72 10.18
N ALA B 11 -14.77 -2.16 10.29
CA ALA B 11 -14.54 -0.71 10.16
C ALA B 11 -13.06 -0.40 10.00
N PHE B 12 -12.78 0.71 9.32
CA PHE B 12 -11.44 1.35 9.20
C PHE B 12 -11.65 2.84 9.41
N THR B 13 -10.68 3.50 10.02
CA THR B 13 -10.64 4.98 10.06
C THR B 13 -9.18 5.41 10.00
N ASP B 14 -8.92 6.38 9.16
CA ASP B 14 -7.66 7.14 9.07
C ASP B 14 -7.83 8.33 10.01
N LEU B 15 -7.09 8.35 11.13
CA LEU B 15 -7.14 9.43 12.13
C LEU B 15 -6.56 10.73 11.55
N LYS B 16 -5.98 10.68 10.33
CA LYS B 16 -5.50 11.85 9.54
C LYS B 16 -4.36 12.56 10.28
N ASN B 17 -3.63 11.80 11.10
CA ASN B 17 -2.42 12.24 11.86
C ASN B 17 -1.31 11.19 11.71
N GLY B 18 -1.40 10.31 10.72
CA GLY B 18 -0.41 9.24 10.47
C GLY B 18 -0.88 7.87 10.93
N SER B 19 -1.83 7.78 11.87
CA SER B 19 -2.26 6.49 12.46
C SER B 19 -3.62 6.07 11.88
N LEU B 20 -3.90 4.77 11.85
CA LEU B 20 -5.26 4.31 11.50
C LEU B 20 -5.61 3.04 12.28
N PHE B 21 -6.91 2.79 12.35
CA PHE B 21 -7.52 1.73 13.17
C PHE B 21 -8.41 0.91 12.26
N ALA B 22 -8.24 -0.41 12.34
CA ALA B 22 -9.14 -1.41 11.75
C ALA B 22 -9.90 -2.04 12.91
N PHE B 23 -11.15 -2.42 12.70
CA PHE B 23 -11.98 -3.11 13.71
C PHE B 23 -12.50 -4.41 13.11
N ARG B 24 -12.46 -5.49 13.89
CA ARG B 24 -12.99 -6.82 13.47
C ARG B 24 -13.38 -7.58 14.72
N GLY B 25 -14.65 -8.00 14.77
CA GLY B 25 -15.20 -8.70 15.95
C GLY B 25 -14.95 -7.90 17.19
N GLN B 26 -14.23 -8.44 18.17
CA GLN B 26 -14.02 -7.73 19.45
C GLN B 26 -12.68 -7.00 19.46
N TYR B 27 -12.00 -6.95 18.33
CA TYR B 27 -10.59 -6.48 18.29
C TYR B 27 -10.45 -5.15 17.54
N SER B 28 -9.52 -4.35 18.05
CA SER B 28 -9.02 -3.05 17.51
C SER B 28 -7.56 -3.23 17.10
N TYR B 29 -7.21 -2.80 15.89
CA TYR B 29 -5.85 -2.93 15.31
C TYR B 29 -5.33 -1.53 14.95
N GLU B 30 -4.29 -1.08 15.66
CA GLU B 30 -3.62 0.21 15.38
C GLU B 30 -2.56 -0.08 14.31
N LEU B 31 -2.64 0.64 13.19
CA LEU B 31 -1.67 0.54 12.07
C LEU B 31 -0.96 1.91 11.97
N ASP B 32 0.32 1.91 12.33
CA ASP B 32 1.16 3.14 12.50
C ASP B 32 2.17 3.25 11.35
N TYR B 40 0.22 -5.01 18.20
CA TYR B 40 -0.51 -5.81 19.23
C TYR B 40 -2.02 -5.56 19.05
N PRO B 41 -2.79 -6.58 18.62
CA PRO B 41 -4.25 -6.49 18.59
C PRO B 41 -4.86 -6.45 20.00
N LYS B 42 -5.73 -5.48 20.24
CA LYS B 42 -6.30 -5.15 21.55
C LYS B 42 -7.83 -5.23 21.47
N LEU B 43 -8.48 -5.43 22.61
CA LEU B 43 -9.96 -5.50 22.70
C LEU B 43 -10.53 -4.08 22.54
N ILE B 44 -11.59 -3.96 21.74
CA ILE B 44 -12.31 -2.67 21.53
C ILE B 44 -12.78 -2.15 22.90
N ARG B 45 -13.28 -3.04 23.77
CA ARG B 45 -13.79 -2.70 25.12
C ARG B 45 -12.67 -2.06 25.95
N ASP B 46 -11.42 -2.45 25.72
CA ASP B 46 -10.22 -1.96 26.44
C ASP B 46 -9.77 -0.61 25.88
N VAL B 47 -9.72 -0.46 24.55
CA VAL B 47 -9.14 0.75 23.89
C VAL B 47 -10.20 1.85 23.82
N TRP B 48 -11.44 1.50 23.45
CA TRP B 48 -12.52 2.45 23.08
C TRP B 48 -13.65 2.40 24.12
N GLY B 49 -13.65 1.38 25.00
CA GLY B 49 -14.59 1.30 26.12
C GLY B 49 -15.99 0.95 25.64
N ILE B 50 -16.11 0.22 24.53
CA ILE B 50 -17.42 -0.31 24.04
C ILE B 50 -17.23 -1.75 23.57
N GLU B 51 -18.32 -2.49 23.49
CA GLU B 51 -18.35 -3.89 22.99
C GLU B 51 -18.41 -3.91 21.46
N GLY B 52 -17.54 -4.71 20.84
CA GLY B 52 -17.63 -5.05 19.41
C GLY B 52 -18.78 -6.03 19.18
N PRO B 53 -19.12 -6.36 17.93
CA PRO B 53 -18.49 -5.75 16.76
C PRO B 53 -19.17 -4.41 16.44
N ILE B 54 -18.43 -3.46 15.89
CA ILE B 54 -19.00 -2.14 15.49
C ILE B 54 -19.37 -2.26 14.00
N ASP B 55 -20.00 -1.24 13.43
CA ASP B 55 -20.54 -1.25 12.05
C ASP B 55 -19.71 -0.37 11.14
N ALA B 56 -19.18 0.75 11.64
CA ALA B 56 -18.45 1.73 10.82
C ALA B 56 -17.71 2.72 11.72
N ALA B 57 -16.73 3.41 11.16
CA ALA B 57 -15.91 4.44 11.84
C ALA B 57 -15.51 5.52 10.84
N PHE B 58 -15.37 6.75 11.31
CA PHE B 58 -14.68 7.79 10.54
C PHE B 58 -14.07 8.80 11.49
N THR B 59 -13.10 9.58 10.98
CA THR B 59 -12.43 10.64 11.76
C THR B 59 -12.49 11.93 10.95
N ARG B 60 -12.93 13.01 11.58
CA ARG B 60 -13.15 14.30 10.86
C ARG B 60 -11.82 14.94 10.51
N ILE B 61 -11.77 15.62 9.35
CA ILE B 61 -10.53 16.21 8.77
C ILE B 61 -10.22 17.56 9.45
N ASN B 62 -11.17 18.13 10.20
CA ASN B 62 -11.06 19.49 10.80
C ASN B 62 -10.02 19.45 11.93
N SER B 63 -9.77 20.59 12.59
CA SER B 63 -8.74 20.78 13.65
C SER B 63 -8.87 19.72 14.77
N GLN B 64 -10.08 19.62 15.33
CA GLN B 64 -10.39 18.73 16.47
C GLN B 64 -10.13 17.27 16.13
N GLY B 65 -10.34 16.85 14.89
CA GLY B 65 -10.09 15.45 14.53
C GLY B 65 -10.82 14.45 15.41
N LYS B 66 -12.14 14.60 15.60
CA LYS B 66 -12.94 13.68 16.43
C LYS B 66 -13.22 12.37 15.68
N THR B 67 -13.17 11.25 16.39
CA THR B 67 -13.42 9.90 15.85
C THR B 67 -14.82 9.47 16.23
N TYR B 68 -15.60 8.99 15.25
CA TYR B 68 -17.00 8.52 15.39
C TYR B 68 -17.03 7.00 15.16
N LEU B 69 -17.54 6.22 16.09
CA LEU B 69 -17.76 4.76 15.93
C LEU B 69 -19.28 4.50 15.96
N PHE B 70 -19.76 3.67 15.04
CA PHE B 70 -21.19 3.37 14.82
C PHE B 70 -21.40 1.89 15.16
N LYS B 71 -22.49 1.61 15.88
CA LYS B 71 -22.97 0.23 16.15
C LYS B 71 -24.49 0.25 16.29
N GLY B 72 -25.21 -0.46 15.41
CA GLY B 72 -26.67 -0.50 15.44
C GLY B 72 -27.26 0.87 15.17
N SER B 73 -28.03 1.41 16.13
CA SER B 73 -28.68 2.75 16.05
C SER B 73 -27.87 3.83 16.80
N GLN B 74 -26.70 3.47 17.33
N GLN B 74 -26.69 3.45 17.31
CA GLN B 74 -25.93 4.30 18.28
CA GLN B 74 -25.88 4.26 18.26
C GLN B 74 -24.58 4.72 17.67
C GLN B 74 -24.57 4.73 17.61
N TYR B 75 -24.02 5.84 18.11
CA TYR B 75 -22.65 6.25 17.77
C TYR B 75 -22.01 6.90 18.99
N TRP B 76 -20.69 6.79 19.04
CA TRP B 76 -19.76 7.34 20.06
C TRP B 76 -18.78 8.29 19.36
N ARG B 77 -18.49 9.42 19.99
CA ARG B 77 -17.56 10.43 19.45
C ARG B 77 -16.43 10.58 20.45
N PHE B 78 -15.19 10.50 19.98
CA PHE B 78 -13.96 10.49 20.80
C PHE B 78 -13.06 11.62 20.35
N GLU B 79 -12.35 12.21 21.31
CA GLU B 79 -11.25 13.17 21.04
C GLU B 79 -10.21 13.04 22.14
N ASP B 80 -8.94 13.18 21.77
CA ASP B 80 -7.81 13.30 22.73
C ASP B 80 -7.82 12.06 23.64
N GLY B 81 -8.20 10.90 23.10
CA GLY B 81 -8.19 9.58 23.79
C GLY B 81 -9.38 9.38 24.72
N VAL B 82 -10.39 10.26 24.67
CA VAL B 82 -11.50 10.20 25.67
C VAL B 82 -12.86 10.22 24.94
N LEU B 83 -13.82 9.47 25.47
CA LEU B 83 -15.23 9.53 24.99
C LEU B 83 -15.82 10.88 25.38
N ASP B 84 -16.30 11.65 24.40
CA ASP B 84 -16.97 12.95 24.67
C ASP B 84 -18.17 12.71 25.59
N PRO B 85 -18.51 13.70 26.43
CA PRO B 85 -19.72 13.60 27.25
C PRO B 85 -20.94 13.70 26.32
N ASP B 86 -22.08 13.16 26.75
CA ASP B 86 -23.34 13.17 25.97
C ASP B 86 -23.29 12.15 24.82
N TYR B 87 -22.35 11.17 24.87
CA TYR B 87 -22.30 9.97 23.99
C TYR B 87 -22.38 8.73 24.87
N PRO B 88 -22.92 7.59 24.37
CA PRO B 88 -23.45 7.51 23.00
C PRO B 88 -24.78 8.22 22.74
N ARG B 89 -25.05 8.49 21.46
CA ARG B 89 -26.29 9.13 20.95
C ARG B 89 -26.91 8.24 19.90
N ASN B 90 -28.21 8.39 19.67
CA ASN B 90 -28.88 7.81 18.48
C ASN B 90 -28.36 8.50 17.22
N ILE B 91 -28.13 7.71 16.17
CA ILE B 91 -27.66 8.22 14.85
C ILE B 91 -28.61 9.32 14.35
N SER B 92 -29.92 9.19 14.62
N SER B 92 -29.93 9.20 14.59
CA SER B 92 -30.98 10.12 14.16
CA SER B 92 -30.93 10.17 14.10
C SER B 92 -30.80 11.50 14.80
C SER B 92 -30.76 11.53 14.79
N ASP B 93 -30.16 11.55 15.99
CA ASP B 93 -29.92 12.81 16.74
C ASP B 93 -28.73 13.58 16.15
N GLY B 94 -27.71 12.87 15.64
CA GLY B 94 -26.51 13.48 15.06
C GLY B 94 -26.60 13.68 13.55
N PHE B 95 -27.31 12.79 12.86
CA PHE B 95 -27.20 12.56 11.39
C PHE B 95 -28.60 12.33 10.82
N ASP B 96 -29.34 13.42 10.66
CA ASP B 96 -30.75 13.37 10.16
C ASP B 96 -30.73 12.84 8.72
N GLY B 97 -31.53 11.81 8.44
CA GLY B 97 -31.61 11.17 7.11
C GLY B 97 -30.77 9.90 7.03
N ILE B 98 -29.77 9.75 7.89
CA ILE B 98 -28.84 8.58 7.84
C ILE B 98 -29.51 7.40 8.52
N PRO B 99 -29.49 6.20 7.90
CA PRO B 99 -30.12 5.03 8.50
C PRO B 99 -29.27 4.45 9.64
N ASP B 100 -29.82 3.44 10.33
CA ASP B 100 -29.12 2.64 11.37
C ASP B 100 -28.45 1.48 10.65
N ASN B 101 -27.61 0.73 11.38
CA ASN B 101 -26.96 -0.52 10.91
C ASN B 101 -26.27 -0.23 9.57
N VAL B 102 -25.42 0.80 9.54
CA VAL B 102 -24.62 1.12 8.32
C VAL B 102 -23.55 0.03 8.15
N ASP B 103 -22.99 -0.07 6.95
CA ASP B 103 -21.95 -1.04 6.55
C ASP B 103 -20.57 -0.38 6.65
N ALA B 104 -20.48 0.94 6.45
CA ALA B 104 -19.20 1.66 6.34
C ALA B 104 -19.43 3.17 6.38
N ALA B 105 -18.37 3.92 6.64
CA ALA B 105 -18.39 5.39 6.52
C ALA B 105 -16.99 5.91 6.22
N LEU B 106 -16.89 7.12 5.69
CA LEU B 106 -15.58 7.78 5.51
C LEU B 106 -15.83 9.30 5.54
N ALA B 107 -14.81 10.05 5.96
CA ALA B 107 -14.84 11.52 6.00
C ALA B 107 -13.83 12.02 4.96
N LEU B 108 -14.31 12.84 4.01
CA LEU B 108 -13.55 13.23 2.79
C LEU B 108 -12.67 14.44 3.10
N PRO B 109 -11.48 14.50 2.44
CA PRO B 109 -10.62 15.68 2.46
C PRO B 109 -11.33 16.87 1.80
N ALA B 110 -11.26 18.03 2.45
CA ALA B 110 -11.82 19.28 1.90
C ALA B 110 -11.15 19.51 0.55
N HIS B 111 -11.93 19.81 -0.47
CA HIS B 111 -11.30 19.99 -1.80
C HIS B 111 -10.84 21.44 -1.97
N SER B 112 -9.54 21.68 -1.80
CA SER B 112 -8.93 23.03 -1.92
C SER B 112 -9.59 24.01 -0.93
N TYR B 113 -10.13 25.11 -1.45
CA TYR B 113 -10.75 26.19 -0.64
C TYR B 113 -12.25 25.99 -0.43
N SER B 114 -12.79 24.86 -0.90
CA SER B 114 -14.22 24.50 -0.71
C SER B 114 -14.36 23.88 0.68
N GLY B 115 -14.37 24.71 1.72
CA GLY B 115 -14.19 24.27 3.12
C GLY B 115 -15.05 23.10 3.58
N ARG B 116 -16.28 22.97 3.11
CA ARG B 116 -17.21 21.91 3.53
C ARG B 116 -16.60 20.50 3.69
N GLU B 117 -16.70 20.02 4.91
CA GLU B 117 -16.53 18.61 5.32
C GLU B 117 -17.68 17.75 4.78
N ARG B 118 -17.36 16.70 4.06
CA ARG B 118 -18.34 15.69 3.56
C ARG B 118 -18.09 14.38 4.30
N VAL B 119 -19.16 13.74 4.79
CA VAL B 119 -19.13 12.34 5.31
C VAL B 119 -20.00 11.48 4.38
N TYR B 120 -19.57 10.26 4.07
CA TYR B 120 -20.38 9.26 3.32
C TYR B 120 -20.64 8.05 4.19
N PHE B 121 -21.90 7.63 4.28
CA PHE B 121 -22.34 6.38 4.93
C PHE B 121 -22.77 5.39 3.85
N PHE B 122 -22.40 4.14 4.04
CA PHE B 122 -22.66 3.04 3.06
C PHE B 122 -23.52 2.00 3.73
N LYS B 123 -24.59 1.58 3.04
CA LYS B 123 -25.43 0.47 3.53
C LYS B 123 -26.06 -0.27 2.34
N GLY B 124 -25.85 -1.58 2.25
CA GLY B 124 -26.19 -2.34 1.04
C GLY B 124 -25.60 -1.69 -0.20
N LYS B 125 -26.43 -1.43 -1.20
CA LYS B 125 -26.01 -0.97 -2.55
C LYS B 125 -25.97 0.55 -2.58
N GLN B 126 -26.27 1.22 -1.47
CA GLN B 126 -26.50 2.69 -1.45
C GLN B 126 -25.50 3.40 -0.54
N TYR B 127 -25.39 4.71 -0.73
CA TYR B 127 -24.62 5.59 0.18
C TYR B 127 -25.35 6.92 0.27
N TRP B 128 -25.09 7.59 1.38
CA TRP B 128 -25.68 8.86 1.83
C TRP B 128 -24.52 9.80 2.09
N GLU B 129 -24.65 11.03 1.64
CA GLU B 129 -23.73 12.16 1.90
C GLU B 129 -24.29 12.92 3.09
N TYR B 130 -23.47 13.19 4.09
CA TYR B 130 -23.77 14.08 5.23
C TYR B 130 -22.77 15.22 5.24
N GLN B 131 -23.29 16.43 5.41
CA GLN B 131 -22.46 17.64 5.49
C GLN B 131 -22.67 18.31 6.86
N PHE B 132 -21.57 18.58 7.53
CA PHE B 132 -21.60 19.29 8.83
C PHE B 132 -21.70 20.78 8.52
N GLY B 138 -26.99 18.36 7.21
CA GLY B 138 -28.08 17.93 6.33
C GLY B 138 -27.70 16.71 5.49
N THR B 139 -28.67 15.83 5.24
CA THR B 139 -28.54 14.60 4.39
C THR B 139 -29.31 14.77 3.08
N ARG B 140 -28.77 14.23 1.98
CA ARG B 140 -29.41 14.18 0.64
C ARG B 140 -29.98 12.78 0.40
N GLN B 141 -30.76 12.60 -0.66
CA GLN B 141 -31.30 11.29 -1.09
C GLN B 141 -30.14 10.31 -1.29
N PRO B 142 -30.34 9.00 -1.02
CA PRO B 142 -29.30 8.00 -1.26
C PRO B 142 -29.05 7.79 -2.76
N GLN B 143 -27.82 7.46 -3.13
CA GLN B 143 -27.37 7.13 -4.51
C GLN B 143 -26.78 5.72 -4.48
N PHE B 144 -26.58 5.11 -5.64
CA PHE B 144 -25.98 3.76 -5.75
C PHE B 144 -24.45 3.83 -5.65
N ILE B 145 -23.87 2.98 -4.81
CA ILE B 145 -22.39 2.87 -4.67
C ILE B 145 -21.80 2.68 -6.08
N SER B 146 -22.25 1.64 -6.83
CA SER B 146 -21.60 1.20 -8.09
C SER B 146 -21.78 2.27 -9.19
N ARG B 147 -22.78 3.14 -9.08
CA ARG B 147 -23.03 4.19 -10.10
C ARG B 147 -22.03 5.36 -9.92
N ASP B 148 -21.67 5.74 -8.69
CA ASP B 148 -20.85 6.95 -8.44
C ASP B 148 -19.39 6.60 -8.05
N TRP B 149 -19.16 5.36 -7.65
CA TRP B 149 -17.81 4.87 -7.30
C TRP B 149 -17.51 3.78 -8.34
N HIS B 150 -16.96 4.16 -9.49
CA HIS B 150 -16.83 3.21 -10.62
C HIS B 150 -15.83 2.08 -10.34
N GLY B 151 -16.31 0.85 -10.43
CA GLY B 151 -15.48 -0.35 -10.17
C GLY B 151 -15.68 -0.91 -8.78
N VAL B 152 -16.43 -0.21 -7.92
CA VAL B 152 -16.75 -0.64 -6.54
C VAL B 152 -18.09 -1.37 -6.56
N PRO B 153 -18.14 -2.65 -6.12
CA PRO B 153 -19.38 -3.41 -6.07
C PRO B 153 -20.31 -2.89 -4.97
N GLY B 154 -21.59 -3.26 -5.01
CA GLY B 154 -22.61 -2.65 -4.12
C GLY B 154 -22.72 -3.38 -2.80
N GLN B 155 -21.60 -3.71 -2.19
CA GLN B 155 -21.54 -4.40 -0.87
C GLN B 155 -20.14 -4.20 -0.30
N VAL B 156 -20.03 -3.41 0.77
CA VAL B 156 -18.72 -3.07 1.40
C VAL B 156 -18.83 -3.35 2.91
N ASP B 157 -17.68 -3.69 3.52
CA ASP B 157 -17.56 -4.01 4.95
C ASP B 157 -17.02 -2.81 5.73
N ALA B 158 -16.28 -1.92 5.05
CA ALA B 158 -15.51 -0.82 5.67
C ALA B 158 -15.02 0.10 4.55
N ALA B 159 -14.66 1.33 4.90
CA ALA B 159 -14.20 2.35 3.95
C ALA B 159 -13.30 3.31 4.72
N MET B 160 -12.39 3.97 4.02
CA MET B 160 -11.43 4.88 4.68
C MET B 160 -10.95 5.90 3.65
N ALA B 161 -10.77 7.15 4.04
CA ALA B 161 -10.29 8.22 3.13
C ALA B 161 -8.86 8.55 3.50
N GLY B 162 -7.95 8.46 2.51
CA GLY B 162 -6.63 9.12 2.52
C GLY B 162 -6.71 10.51 1.89
N ARG B 163 -5.58 11.01 1.36
CA ARG B 163 -5.46 12.41 0.86
C ARG B 163 -5.99 12.51 -0.56
N ILE B 164 -5.61 11.58 -1.46
CA ILE B 164 -6.01 11.60 -2.89
C ILE B 164 -6.85 10.37 -3.26
N SER B 165 -6.96 9.38 -2.35
CA SER B 165 -7.61 8.06 -2.58
C SER B 165 -8.58 7.74 -1.44
N VAL B 166 -9.62 6.97 -1.76
CA VAL B 166 -10.47 6.30 -0.74
C VAL B 166 -10.29 4.80 -0.94
N PHE B 167 -10.54 4.04 0.12
CA PHE B 167 -10.38 2.57 0.15
C PHE B 167 -11.70 1.94 0.54
N PHE B 168 -12.13 0.94 -0.22
CA PHE B 168 -13.31 0.11 0.08
C PHE B 168 -12.82 -1.32 0.36
N PHE B 169 -13.32 -1.91 1.44
CA PHE B 169 -12.99 -3.25 1.94
C PHE B 169 -14.22 -4.14 1.78
N SER B 170 -14.01 -5.32 1.20
CA SER B 170 -15.08 -6.35 0.99
C SER B 170 -14.47 -7.74 1.18
N GLY B 171 -14.92 -8.46 2.21
CA GLY B 171 -14.37 -9.77 2.59
C GLY B 171 -12.87 -9.70 2.83
N ASP B 172 -12.06 -10.48 2.11
CA ASP B 172 -10.59 -10.54 2.31
C ASP B 172 -9.85 -9.59 1.35
N LYS B 173 -10.56 -8.80 0.55
CA LYS B 173 -9.94 -7.91 -0.47
C LYS B 173 -10.37 -6.46 -0.28
N TYR B 174 -9.66 -5.55 -0.96
CA TYR B 174 -9.96 -4.10 -0.92
C TYR B 174 -9.71 -3.49 -2.29
N TYR B 175 -10.24 -2.29 -2.46
CA TYR B 175 -10.15 -1.46 -3.67
C TYR B 175 -9.62 -0.07 -3.29
N ARG B 176 -8.89 0.58 -4.18
CA ARG B 176 -8.48 1.98 -4.02
C ARG B 176 -9.10 2.77 -5.16
N VAL B 177 -9.73 3.91 -4.84
CA VAL B 177 -10.48 4.77 -5.79
C VAL B 177 -9.85 6.15 -5.75
N ASN B 178 -9.44 6.66 -6.92
CA ASN B 178 -8.95 8.05 -7.07
C ASN B 178 -10.11 9.00 -6.79
N LEU B 179 -9.90 10.03 -5.98
CA LEU B 179 -11.00 10.97 -5.62
C LEU B 179 -11.39 11.85 -6.81
N ARG B 180 -10.45 12.21 -7.70
CA ARG B 180 -10.72 13.03 -8.91
C ARG B 180 -11.64 12.27 -9.87
N THR B 181 -11.23 11.08 -10.31
CA THR B 181 -11.95 10.27 -11.33
C THR B 181 -13.12 9.53 -10.70
N ARG B 182 -13.04 9.28 -9.39
CA ARG B 182 -14.04 8.45 -8.66
C ARG B 182 -14.05 7.06 -9.29
N ARG B 183 -12.90 6.61 -9.79
CA ARG B 183 -12.74 5.28 -10.41
C ARG B 183 -11.67 4.49 -9.64
N VAL B 184 -11.84 3.18 -9.55
CA VAL B 184 -10.82 2.24 -8.99
C VAL B 184 -9.55 2.44 -9.80
N ASP B 185 -8.41 2.62 -9.13
CA ASP B 185 -7.08 2.83 -9.78
C ASP B 185 -6.63 1.55 -10.51
N THR B 186 -5.90 1.72 -11.62
CA THR B 186 -5.29 0.62 -12.41
C THR B 186 -3.89 0.38 -11.85
N VAL B 187 -3.72 -0.68 -11.07
CA VAL B 187 -2.41 -1.03 -10.43
C VAL B 187 -2.16 -2.51 -10.74
N ASP B 188 -0.97 -3.02 -10.45
CA ASP B 188 -0.58 -4.40 -10.82
C ASP B 188 0.13 -5.02 -9.62
N PRO B 189 -0.37 -6.13 -9.03
CA PRO B 189 -1.62 -6.77 -9.44
C PRO B 189 -2.83 -5.90 -9.16
N PRO B 190 -3.91 -6.03 -9.97
CA PRO B 190 -5.05 -5.11 -9.93
C PRO B 190 -5.91 -5.25 -8.67
N TYR B 191 -6.71 -4.23 -8.34
CA TYR B 191 -7.79 -4.35 -7.33
C TYR B 191 -8.89 -5.24 -7.89
N PRO B 192 -9.59 -6.05 -7.08
CA PRO B 192 -9.39 -6.09 -5.62
C PRO B 192 -8.19 -6.98 -5.25
N ARG B 193 -7.49 -6.58 -4.19
CA ARG B 193 -6.20 -7.10 -3.66
C ARG B 193 -6.35 -7.55 -2.21
N SER B 194 -5.41 -8.34 -1.71
CA SER B 194 -5.46 -8.95 -0.37
C SER B 194 -5.32 -7.85 0.69
N ILE B 195 -6.26 -7.79 1.63
CA ILE B 195 -6.19 -6.92 2.84
C ILE B 195 -5.00 -7.37 3.67
N ALA B 196 -4.91 -8.68 3.96
CA ALA B 196 -3.87 -9.30 4.82
C ALA B 196 -2.48 -8.83 4.36
N GLN B 197 -2.20 -8.91 3.04
CA GLN B 197 -0.88 -8.60 2.45
C GLN B 197 -0.53 -7.11 2.54
N TYR B 198 -1.45 -6.24 2.12
CA TYR B 198 -1.17 -4.80 1.88
C TYR B 198 -1.45 -3.96 3.12
N TRP B 199 -2.23 -4.45 4.09
CA TRP B 199 -2.57 -3.69 5.31
C TRP B 199 -1.96 -4.34 6.56
N LEU B 200 -1.98 -5.68 6.65
CA LEU B 200 -1.69 -6.39 7.93
C LEU B 200 -0.27 -6.93 7.96
N GLY B 201 0.54 -6.62 6.94
CA GLY B 201 1.88 -7.17 6.71
C GLY B 201 1.91 -8.68 6.87
N CYS B 202 0.88 -9.39 6.39
CA CYS B 202 0.78 -10.87 6.42
C CYS B 202 1.54 -11.49 5.25
N PRO B 203 1.99 -12.76 5.38
CA PRO B 203 2.38 -13.57 4.21
C PRO B 203 1.19 -13.87 3.27
NA NA C . 18.62 -0.73 -12.07
NA NA D . 14.85 -5.06 -6.85
CL CL E . 16.33 -3.31 -8.92
S SO4 F . 13.01 -7.26 -4.14
O1 SO4 F . 11.65 -7.01 -4.48
O2 SO4 F . 13.88 -6.66 -5.15
O3 SO4 F . 13.20 -8.68 -4.08
O4 SO4 F . 13.30 -6.64 -2.85
S SO4 G . 25.77 -9.41 3.73
O1 SO4 G . 26.24 -8.03 3.68
O2 SO4 G . 25.70 -9.91 2.37
O3 SO4 G . 24.46 -9.49 4.34
O4 SO4 G . 26.69 -10.21 4.50
S SO4 H . 25.57 -7.64 -22.78
O1 SO4 H . 25.85 -8.12 -24.11
O2 SO4 H . 24.32 -6.94 -22.80
O3 SO4 H . 26.61 -6.74 -22.37
O4 SO4 H . 25.51 -8.75 -21.86
NA NA I . -14.27 4.49 7.85
NA NA J . -18.69 -2.01 8.44
CL CL K . -15.94 2.02 8.11
S SO4 L . -12.09 7.64 7.54
O1 SO4 L . -13.13 6.64 7.58
O2 SO4 L . -12.51 8.76 6.73
O3 SO4 L . -11.78 8.05 8.84
O4 SO4 L . -10.91 7.12 6.98
S SO4 M . -22.09 15.27 16.12
O1 SO4 M . -23.02 16.37 16.34
O2 SO4 M . -22.43 14.61 14.89
O3 SO4 M . -20.75 15.79 16.05
O4 SO4 M . -22.21 14.31 17.22
#